data_3G0H
#
_entry.id   3G0H
#
_cell.length_a   41.570
_cell.length_b   81.080
_cell.length_c   124.740
_cell.angle_alpha   90.00
_cell.angle_beta   90.00
_cell.angle_gamma   90.00
#
_symmetry.space_group_name_H-M   'P 21 21 21'
#
loop_
_entity.id
_entity.type
_entity.pdbx_description
1 polymer 'ATP-dependent RNA helicase DDX19B'
2 polymer "5'-R(P*UP*UP*UP*UP*UP*UP*U)-3'"
3 non-polymer 'PHOSPHOAMINOPHOSPHONIC ACID-ADENYLATE ESTER'
4 non-polymer 'MAGNESIUM ION'
5 non-polymer GLYCEROL
#
loop_
_entity_poly.entity_id
_entity_poly.type
_entity_poly.pdbx_seq_one_letter_code
_entity_poly.pdbx_strand_id
1 'polypeptide(L)'
;SMEDRAAQSLLNKLIRSNLVDNTNQVEVLQRDPNSPLYSVKSFEELRLKPQLLQGVYAMGFNRPSKIQENALPLMLAEPP
QNLIAQSQSGTGKTAAFVLAMLSQVEPANKYPQCLCLSPTYELALQTGKVIEQMGKFYPELKLAYAVRGNKLERGQKISE
QIVIGTPGTVLDWCSKLKFIDPKKIKVFVLDEADVMIATQGHQDQSIRIQRMLPRNCQMLLFSATFEDSVWKFAQKVVPD
PNVIKLKREEETLDTIKQYYVLCSSRDEKFQALCNLYGAITIAQAMIFCHTRKTASWLAAELSKEGHQVALLSGEMMVEQ
RAAVIERFREGKEKVLVTTNVCARGIDVEQVSVVINFDLPVDKDGNPDNETYLHRIGRTGRFGKRGLAVNMVDSKHSMNI
LNRIQEHFNKKIERLDTDDLDEIE
;
A
2 'polyribonucleotide' UUUUUUU E
#
# COMPACT_ATOMS: atom_id res chain seq x y z
N SER A 9 -18.37 -1.99 -26.50
CA SER A 9 -17.53 -2.38 -27.67
C SER A 9 -16.61 -1.23 -28.07
N LEU A 10 -15.53 -1.03 -27.31
CA LEU A 10 -14.54 0.04 -27.59
C LEU A 10 -13.12 -0.36 -27.16
N LEU A 11 -12.13 0.48 -27.46
CA LEU A 11 -10.72 0.20 -27.14
C LEU A 11 -10.50 -0.15 -25.67
N ASN A 12 -11.09 0.64 -24.79
CA ASN A 12 -10.96 0.43 -23.35
C ASN A 12 -11.82 -0.72 -22.82
N LYS A 13 -12.63 -1.33 -23.69
CA LYS A 13 -13.23 -2.65 -23.38
C LYS A 13 -12.16 -3.75 -23.50
N LEU A 14 -10.98 -3.42 -24.02
CA LEU A 14 -9.80 -4.29 -23.93
C LEU A 14 -9.19 -4.35 -22.51
N ILE A 15 -9.97 -3.96 -21.51
CA ILE A 15 -9.80 -4.43 -20.13
C ILE A 15 -10.01 -5.94 -20.11
N ARG A 16 -11.05 -6.38 -20.82
CA ARG A 16 -11.42 -7.80 -20.97
C ARG A 16 -10.25 -8.67 -21.50
N SER A 17 -9.35 -8.06 -22.29
CA SER A 17 -8.09 -8.72 -22.68
C SER A 17 -7.25 -9.14 -21.46
N ASN A 18 -7.25 -8.32 -20.41
CA ASN A 18 -6.59 -8.66 -19.15
C ASN A 18 -7.47 -9.42 -18.16
N LEU A 19 -8.77 -9.51 -18.43
CA LEU A 19 -9.71 -10.22 -17.57
C LEU A 19 -9.27 -11.67 -17.31
N VAL A 20 -8.80 -12.36 -18.35
CA VAL A 20 -8.31 -13.75 -18.22
C VAL A 20 -6.90 -13.88 -18.84
N ASP A 21 -5.89 -13.43 -18.09
CA ASP A 21 -4.51 -13.33 -18.60
C ASP A 21 -3.77 -14.68 -18.57
N ASN A 22 -2.54 -14.69 -19.10
CA ASN A 22 -1.86 -15.92 -19.52
C ASN A 22 -1.50 -16.94 -18.43
N THR A 23 -1.53 -18.21 -18.85
CA THR A 23 -1.29 -19.41 -18.01
C THR A 23 -0.11 -19.34 -17.02
N ASN A 24 1.08 -18.99 -17.51
CA ASN A 24 2.27 -18.93 -16.65
C ASN A 24 2.84 -17.51 -16.59
N GLN A 25 1.96 -16.51 -16.58
CA GLN A 25 2.37 -15.11 -16.66
C GLN A 25 3.35 -14.71 -15.56
N VAL A 26 2.95 -14.94 -14.32
CA VAL A 26 3.75 -14.55 -13.17
C VAL A 26 5.03 -15.37 -13.12
N GLU A 27 4.95 -16.64 -13.46
CA GLU A 27 6.13 -17.50 -13.45
C GLU A 27 7.20 -16.99 -14.42
N VAL A 28 6.78 -16.58 -15.62
CA VAL A 28 7.69 -16.04 -16.63
C VAL A 28 8.34 -14.73 -16.16
N LEU A 29 7.58 -13.90 -15.47
CA LEU A 29 8.11 -12.66 -14.90
C LEU A 29 9.19 -12.97 -13.85
N GLN A 30 8.90 -13.91 -12.96
CA GLN A 30 9.85 -14.33 -11.94
C GLN A 30 11.07 -15.08 -12.51
N ARG A 31 11.21 -15.13 -13.84
CA ARG A 31 12.39 -15.67 -14.50
C ARG A 31 13.11 -14.64 -15.39
N ASP A 32 12.61 -13.39 -15.39
CA ASP A 32 13.13 -12.29 -16.18
C ASP A 32 13.90 -11.34 -15.28
N PRO A 33 15.22 -11.16 -15.53
CA PRO A 33 16.06 -10.25 -14.75
C PRO A 33 15.54 -8.82 -14.68
N ASN A 34 14.94 -8.35 -15.76
CA ASN A 34 14.34 -7.01 -15.80
C ASN A 34 13.06 -6.87 -14.99
N SER A 35 12.54 -7.97 -14.44
CA SER A 35 11.32 -7.91 -13.64
C SER A 35 11.66 -7.66 -12.18
N PRO A 36 10.87 -6.81 -11.51
CA PRO A 36 11.04 -6.64 -10.07
C PRO A 36 10.49 -7.83 -9.26
N LEU A 37 9.89 -8.80 -9.92
CA LEU A 37 9.46 -10.05 -9.29
C LEU A 37 10.52 -11.15 -9.41
N TYR A 38 11.71 -10.79 -9.88
CA TYR A 38 12.71 -11.76 -10.28
C TYR A 38 13.25 -12.57 -9.11
N SER A 39 13.42 -13.86 -9.35
CA SER A 39 13.75 -14.81 -8.29
C SER A 39 14.90 -15.69 -8.75
N VAL A 40 16.09 -15.48 -8.16
CA VAL A 40 17.26 -16.35 -8.41
C VAL A 40 17.43 -17.45 -7.37
N LYS A 41 16.71 -17.35 -6.25
CA LYS A 41 16.80 -18.36 -5.20
C LYS A 41 15.43 -18.67 -4.62
N SER A 42 15.26 -19.90 -4.17
CA SER A 42 13.98 -20.36 -3.64
C SER A 42 13.76 -19.78 -2.26
N PHE A 43 12.57 -20.02 -1.71
CA PHE A 43 12.25 -19.61 -0.34
C PHE A 43 13.08 -20.36 0.69
N GLU A 44 13.39 -21.64 0.44
CA GLU A 44 14.23 -22.41 1.38
C GLU A 44 15.68 -21.96 1.39
N GLU A 45 16.15 -21.36 0.30
CA GLU A 45 17.47 -20.72 0.28
C GLU A 45 17.52 -19.41 1.09
N LEU A 46 16.36 -18.91 1.50
CA LEU A 46 16.31 -17.78 2.43
C LEU A 46 16.36 -18.24 3.88
N ARG A 47 16.35 -19.55 4.09
CA ARG A 47 16.53 -20.15 5.42
C ARG A 47 15.58 -19.60 6.48
N LEU A 48 14.32 -19.38 6.11
CA LEU A 48 13.29 -19.01 7.08
C LEU A 48 12.99 -20.21 7.98
N LYS A 49 12.43 -19.94 9.14
CA LYS A 49 12.02 -21.00 10.07
C LYS A 49 10.96 -21.86 9.39
N PRO A 50 10.84 -23.13 9.79
CA PRO A 50 9.90 -24.05 9.17
C PRO A 50 8.44 -23.58 9.20
N GLN A 51 8.01 -22.98 10.31
CA GLN A 51 6.64 -22.52 10.46
C GLN A 51 6.36 -21.31 9.56
N LEU A 52 7.41 -20.58 9.25
CA LEU A 52 7.30 -19.40 8.43
C LEU A 52 7.41 -19.73 6.95
N LEU A 53 7.91 -20.92 6.65
CA LEU A 53 8.01 -21.42 5.28
C LEU A 53 6.68 -22.09 4.91
N GLN A 54 6.10 -22.78 5.88
CA GLN A 54 4.75 -23.34 5.76
C GLN A 54 3.71 -22.24 5.57
N GLY A 55 3.82 -21.18 6.38
CA GLY A 55 2.97 -20.00 6.24
C GLY A 55 3.06 -19.39 4.86
N VAL A 56 4.28 -19.36 4.32
CA VAL A 56 4.53 -18.78 3.00
C VAL A 56 3.84 -19.59 1.90
N TYR A 57 4.19 -20.86 1.82
CA TYR A 57 3.60 -21.76 0.84
C TYR A 57 2.08 -21.90 1.00
N ALA A 58 1.61 -21.89 2.25
CA ALA A 58 0.16 -21.93 2.54
C ALA A 58 -0.61 -20.80 1.86
N MET A 59 0.05 -19.67 1.61
CA MET A 59 -0.56 -18.57 0.87
C MET A 59 -0.47 -18.73 -0.65
N GLY A 60 0.13 -19.82 -1.10
CA GLY A 60 0.28 -20.06 -2.54
C GLY A 60 1.47 -19.35 -3.16
N PHE A 61 2.32 -18.74 -2.34
CA PHE A 61 3.56 -18.11 -2.82
C PHE A 61 4.48 -19.22 -3.33
N ASN A 62 5.04 -19.05 -4.53
CA ASN A 62 5.93 -20.06 -5.10
C ASN A 62 7.41 -19.68 -5.00
N ARG A 63 7.72 -18.41 -5.23
CA ARG A 63 9.10 -17.94 -5.36
C ARG A 63 9.20 -16.51 -4.85
N PRO A 64 10.29 -16.17 -4.15
CA PRO A 64 10.38 -14.80 -3.65
C PRO A 64 10.60 -13.76 -4.75
N SER A 65 10.01 -12.59 -4.55
CA SER A 65 10.25 -11.45 -5.41
C SER A 65 11.62 -10.86 -5.12
N LYS A 66 12.08 -9.96 -6.00
CA LYS A 66 13.36 -9.30 -5.81
C LYS A 66 13.49 -8.80 -4.37
N ILE A 67 12.54 -7.99 -3.91
CA ILE A 67 12.70 -7.30 -2.62
C ILE A 67 12.74 -8.27 -1.45
N GLN A 68 11.97 -9.34 -1.57
CA GLN A 68 11.91 -10.40 -0.57
C GLN A 68 13.23 -11.16 -0.50
N GLU A 69 13.78 -11.50 -1.66
CA GLU A 69 15.08 -12.17 -1.74
C GLU A 69 16.22 -11.38 -1.11
N ASN A 70 16.21 -10.06 -1.36
CA ASN A 70 17.31 -9.20 -0.93
C ASN A 70 17.13 -8.67 0.49
N ALA A 71 15.90 -8.39 0.89
CA ALA A 71 15.62 -7.78 2.20
C ALA A 71 15.71 -8.76 3.36
N LEU A 72 15.18 -9.97 3.18
CA LEU A 72 15.11 -10.92 4.31
C LEU A 72 16.48 -11.33 4.89
N PRO A 73 17.45 -11.63 4.03
CA PRO A 73 18.79 -11.86 4.60
C PRO A 73 19.27 -10.66 5.43
N LEU A 74 19.10 -9.45 4.89
CA LEU A 74 19.51 -8.22 5.59
C LEU A 74 18.75 -7.99 6.89
N MET A 75 17.49 -8.40 6.91
CA MET A 75 16.64 -8.21 8.09
C MET A 75 16.81 -9.33 9.12
N LEU A 76 17.07 -10.55 8.66
CA LEU A 76 17.29 -11.69 9.55
C LEU A 76 18.74 -11.81 10.02
N ALA A 77 19.67 -11.13 9.35
CA ALA A 77 21.08 -11.12 9.76
C ALA A 77 21.24 -10.77 11.25
N GLU A 78 22.25 -11.38 11.87
CA GLU A 78 22.47 -11.28 13.31
C GLU A 78 23.87 -10.71 13.55
N PRO A 79 23.99 -9.73 14.45
CA PRO A 79 22.95 -9.13 15.28
C PRO A 79 22.12 -8.17 14.45
N PRO A 80 20.91 -7.81 14.91
CA PRO A 80 19.99 -7.02 14.07
C PRO A 80 20.57 -5.71 13.53
N GLN A 81 20.18 -5.37 12.31
CA GLN A 81 20.50 -4.08 11.70
C GLN A 81 19.22 -3.45 11.14
N ASN A 82 19.09 -2.13 11.26
CA ASN A 82 17.95 -1.41 10.69
C ASN A 82 18.01 -1.43 9.16
N LEU A 83 16.87 -1.22 8.53
CA LEU A 83 16.77 -1.24 7.06
C LEU A 83 15.75 -0.23 6.53
N ILE A 84 16.18 0.57 5.55
CA ILE A 84 15.31 1.45 4.79
C ILE A 84 15.31 0.93 3.35
N ALA A 85 14.16 0.43 2.90
CA ALA A 85 14.10 -0.32 1.64
C ALA A 85 12.98 0.16 0.74
N GLN A 86 13.27 0.21 -0.56
CA GLN A 86 12.31 0.62 -1.56
C GLN A 86 12.09 -0.47 -2.61
N SER A 87 10.82 -0.79 -2.87
CA SER A 87 10.44 -1.60 -4.03
C SER A 87 9.08 -1.19 -4.58
N GLN A 88 8.88 -1.46 -5.87
CA GLN A 88 7.74 -0.94 -6.65
C GLN A 88 6.36 -1.40 -6.13
N SER A 89 5.30 -0.84 -6.71
CA SER A 89 3.95 -1.29 -6.39
C SER A 89 3.78 -2.81 -6.61
N GLY A 90 2.96 -3.43 -5.76
CA GLY A 90 2.64 -4.86 -5.80
C GLY A 90 3.78 -5.85 -5.98
N THR A 91 4.89 -5.64 -5.28
CA THR A 91 6.08 -6.49 -5.39
C THR A 91 6.33 -7.33 -4.13
N GLY A 92 5.41 -7.27 -3.17
CA GLY A 92 5.44 -8.17 -2.02
C GLY A 92 6.22 -7.70 -0.81
N LYS A 93 6.21 -6.39 -0.55
CA LYS A 93 6.93 -5.82 0.60
C LYS A 93 6.30 -6.21 1.94
N THR A 94 4.97 -6.39 1.97
CA THR A 94 4.28 -6.82 3.19
C THR A 94 4.81 -8.16 3.69
N ALA A 95 4.78 -9.16 2.81
CA ALA A 95 5.32 -10.48 3.14
C ALA A 95 6.76 -10.34 3.60
N ALA A 96 7.51 -9.43 2.96
CA ALA A 96 8.90 -9.16 3.34
C ALA A 96 9.06 -8.75 4.79
N PHE A 97 8.36 -7.71 5.23
CA PHE A 97 8.49 -7.28 6.64
C PHE A 97 7.69 -8.11 7.66
N VAL A 98 6.55 -8.68 7.25
CA VAL A 98 5.79 -9.58 8.13
C VAL A 98 6.65 -10.79 8.49
N LEU A 99 7.25 -11.42 7.50
CA LEU A 99 8.21 -12.48 7.76
C LEU A 99 9.34 -11.99 8.69
N ALA A 100 9.78 -10.75 8.53
CA ALA A 100 10.81 -10.19 9.40
C ALA A 100 10.32 -10.13 10.85
N MET A 101 9.09 -9.66 11.05
CA MET A 101 8.49 -9.55 12.38
C MET A 101 8.28 -10.90 13.04
N LEU A 102 7.61 -11.79 12.31
CA LEU A 102 7.31 -13.12 12.81
C LEU A 102 8.59 -13.86 13.17
N SER A 103 9.66 -13.62 12.40
CA SER A 103 10.92 -14.30 12.62
C SER A 103 11.66 -13.92 13.91
N GLN A 104 11.30 -12.80 14.54
CA GLN A 104 11.93 -12.33 15.77
C GLN A 104 11.03 -12.45 17.00
N VAL A 105 9.77 -12.83 16.79
CA VAL A 105 8.84 -12.97 17.91
C VAL A 105 9.08 -14.29 18.62
N GLU A 106 9.02 -14.27 19.95
CA GLU A 106 9.06 -15.48 20.79
C GLU A 106 7.66 -15.67 21.38
N PRO A 107 6.84 -16.56 20.78
CA PRO A 107 5.40 -16.64 21.11
C PRO A 107 5.09 -16.90 22.58
N ALA A 108 6.03 -17.50 23.31
CA ALA A 108 5.87 -17.77 24.74
C ALA A 108 5.60 -16.50 25.55
N ASN A 109 6.28 -15.42 25.19
CA ASN A 109 6.16 -14.14 25.87
C ASN A 109 4.90 -13.38 25.44
N LYS A 110 3.94 -13.27 26.35
CA LYS A 110 2.61 -12.73 26.04
C LYS A 110 2.57 -11.21 26.19
N TYR A 111 3.42 -10.52 25.45
CA TYR A 111 3.35 -9.07 25.35
C TYR A 111 3.81 -8.64 23.96
N PRO A 112 3.40 -7.43 23.52
CA PRO A 112 3.86 -6.89 22.24
C PRO A 112 5.39 -6.82 22.08
N GLN A 113 5.90 -7.61 21.13
CA GLN A 113 7.31 -7.60 20.76
C GLN A 113 7.53 -6.92 19.42
N CYS A 114 6.47 -6.82 18.61
CA CYS A 114 6.58 -6.37 17.23
C CYS A 114 5.44 -5.45 16.89
N LEU A 115 5.78 -4.26 16.42
CA LEU A 115 4.84 -3.17 16.21
C LEU A 115 4.95 -2.70 14.78
N CYS A 116 3.80 -2.52 14.13
CA CYS A 116 3.76 -2.09 12.74
C CYS A 116 2.83 -0.90 12.52
N LEU A 117 3.31 0.14 11.82
CA LEU A 117 2.54 1.33 11.55
C LEU A 117 2.15 1.50 10.08
N SER A 118 0.83 1.56 9.83
CA SER A 118 0.26 1.90 8.52
C SER A 118 -0.36 3.30 8.59
N PRO A 119 -0.40 4.01 7.45
CA PRO A 119 -0.94 5.38 7.43
C PRO A 119 -2.45 5.48 7.55
N THR A 120 -3.19 4.39 7.30
CA THR A 120 -4.64 4.45 7.29
C THR A 120 -5.31 3.19 7.83
N TYR A 121 -6.56 3.36 8.25
CA TYR A 121 -7.39 2.30 8.82
C TYR A 121 -7.40 1.02 8.02
N GLU A 122 -7.64 1.15 6.71
CA GLU A 122 -7.85 -0.02 5.85
C GLU A 122 -6.55 -0.77 5.56
N LEU A 123 -5.44 -0.05 5.49
CA LEU A 123 -4.15 -0.68 5.25
C LEU A 123 -3.73 -1.51 6.48
N ALA A 124 -3.98 -0.97 7.69
CA ALA A 124 -3.79 -1.73 8.92
C ALA A 124 -4.60 -3.03 8.88
N LEU A 125 -5.89 -2.92 8.56
CA LEU A 125 -6.75 -4.12 8.49
C LEU A 125 -6.17 -5.12 7.50
N GLN A 126 -5.89 -4.64 6.28
CA GLN A 126 -5.36 -5.49 5.23
C GLN A 126 -4.08 -6.19 5.70
N THR A 127 -3.10 -5.40 6.14
CA THR A 127 -1.83 -5.95 6.65
C THR A 127 -2.01 -6.92 7.84
N GLY A 128 -2.92 -6.58 8.75
CA GLY A 128 -3.21 -7.46 9.89
C GLY A 128 -3.61 -8.86 9.45
N LYS A 129 -4.43 -8.95 8.41
CA LYS A 129 -4.80 -10.23 7.81
C LYS A 129 -3.59 -11.02 7.30
N VAL A 130 -2.66 -10.35 6.63
CA VAL A 130 -1.49 -11.02 6.10
C VAL A 130 -0.64 -11.55 7.26
N ILE A 131 -0.54 -10.78 8.35
CA ILE A 131 0.20 -11.19 9.56
C ILE A 131 -0.41 -12.45 10.20
N GLU A 132 -1.73 -12.46 10.34
CA GLU A 132 -2.41 -13.60 10.94
C GLU A 132 -2.22 -14.85 10.09
N GLN A 133 -2.43 -14.71 8.79
CA GLN A 133 -2.33 -15.83 7.85
C GLN A 133 -0.90 -16.33 7.67
N MET A 134 0.06 -15.41 7.74
CA MET A 134 1.47 -15.75 7.55
C MET A 134 2.05 -16.49 8.76
N GLY A 135 1.55 -16.18 9.96
CA GLY A 135 2.02 -16.82 11.18
C GLY A 135 1.11 -17.92 11.71
N LYS A 136 0.05 -18.25 10.96
CA LYS A 136 -0.97 -19.20 11.39
C LYS A 136 -0.41 -20.52 11.93
N PHE A 137 0.78 -20.90 11.47
CA PHE A 137 1.41 -22.12 11.95
C PHE A 137 2.20 -21.90 13.24
N TYR A 138 1.94 -20.78 13.90
CA TYR A 138 2.21 -20.66 15.33
C TYR A 138 0.84 -20.60 16.00
N PRO A 139 0.37 -21.73 16.56
CA PRO A 139 -0.97 -21.77 17.18
C PRO A 139 -1.23 -20.66 18.19
N GLU A 140 -0.18 -20.18 18.86
CA GLU A 140 -0.32 -19.22 19.95
C GLU A 140 0.04 -17.79 19.57
N LEU A 141 0.36 -17.58 18.31
CA LEU A 141 0.66 -16.24 17.83
C LEU A 141 -0.66 -15.48 17.66
N LYS A 142 -0.77 -14.34 18.34
CA LYS A 142 -1.97 -13.51 18.29
C LYS A 142 -1.63 -12.08 17.85
N LEU A 143 -2.59 -11.42 17.21
CA LEU A 143 -2.42 -10.08 16.66
C LEU A 143 -3.45 -9.14 17.30
N ALA A 144 -2.98 -7.96 17.69
CA ALA A 144 -3.83 -6.92 18.28
C ALA A 144 -3.91 -5.76 17.31
N TYR A 145 -5.11 -5.21 17.16
CA TYR A 145 -5.32 -4.07 16.28
C TYR A 145 -5.39 -2.76 17.07
N ALA A 146 -4.32 -1.98 17.00
CA ALA A 146 -4.29 -0.63 17.55
C ALA A 146 -4.84 0.34 16.52
N VAL A 147 -6.13 0.18 16.21
CA VAL A 147 -6.83 0.99 15.19
C VAL A 147 -8.07 1.66 15.79
N ARG A 148 -8.58 2.65 15.06
CA ARG A 148 -9.62 3.52 15.58
C ARG A 148 -10.87 2.77 16.05
N GLY A 149 -11.26 1.75 15.30
CA GLY A 149 -12.47 0.98 15.65
C GLY A 149 -12.48 0.34 17.04
N ASN A 150 -11.30 0.20 17.64
CA ASN A 150 -11.07 -0.73 18.74
C ASN A 150 -11.06 -0.05 20.11
N LYS A 151 -11.64 -0.72 21.09
CA LYS A 151 -11.62 -0.23 22.46
C LYS A 151 -11.58 -1.40 23.43
N LEU A 152 -10.67 -1.31 24.40
CA LEU A 152 -10.43 -2.37 25.36
C LEU A 152 -10.77 -1.86 26.76
N GLU A 153 -11.06 -2.77 27.69
CA GLU A 153 -11.30 -2.38 29.09
C GLU A 153 -10.04 -1.72 29.67
N ARG A 154 -10.18 -0.47 30.13
CA ARG A 154 -9.01 0.33 30.53
C ARG A 154 -8.27 -0.24 31.74
N GLY A 155 -6.96 -0.02 31.79
CA GLY A 155 -6.11 -0.51 32.88
C GLY A 155 -5.39 -1.82 32.59
N GLN A 156 -5.68 -2.44 31.44
CA GLN A 156 -5.08 -3.73 31.11
C GLN A 156 -3.85 -3.55 30.23
N LYS A 157 -3.11 -4.64 30.07
CA LYS A 157 -2.04 -4.76 29.08
C LYS A 157 -2.45 -5.83 28.07
N ILE A 158 -2.19 -5.59 26.79
CA ILE A 158 -2.59 -6.54 25.78
C ILE A 158 -1.57 -7.69 25.76
N SER A 159 -2.07 -8.91 25.59
CA SER A 159 -1.24 -10.10 25.68
C SER A 159 -0.87 -10.66 24.32
N GLU A 160 -1.26 -9.95 23.26
CA GLU A 160 -0.93 -10.36 21.89
C GLU A 160 0.53 -9.99 21.58
N GLN A 161 1.20 -10.86 20.85
CA GLN A 161 2.64 -10.70 20.57
C GLN A 161 2.94 -9.68 19.47
N ILE A 162 2.02 -9.49 18.55
CA ILE A 162 2.22 -8.55 17.45
C ILE A 162 1.09 -7.51 17.45
N VAL A 163 1.46 -6.24 17.42
CA VAL A 163 0.48 -5.16 17.28
C VAL A 163 0.62 -4.54 15.91
N ILE A 164 -0.52 -4.29 15.25
CA ILE A 164 -0.56 -3.45 14.05
C ILE A 164 -1.54 -2.33 14.32
N GLY A 165 -1.21 -1.13 13.88
CA GLY A 165 -2.05 0.02 14.16
C GLY A 165 -1.71 1.26 13.37
N THR A 166 -2.55 2.27 13.55
CA THR A 166 -2.38 3.58 12.93
C THR A 166 -1.73 4.52 13.97
N PRO A 167 -1.01 5.56 13.52
CA PRO A 167 -0.15 6.36 14.42
C PRO A 167 -0.82 6.88 15.70
N GLY A 168 -2.03 7.42 15.59
CA GLY A 168 -2.71 7.99 16.74
C GLY A 168 -3.04 6.99 17.83
N THR A 169 -3.75 5.94 17.45
CA THR A 169 -4.20 4.92 18.40
C THR A 169 -3.02 4.22 19.06
N VAL A 170 -2.02 3.84 18.26
CA VAL A 170 -0.81 3.25 18.83
C VAL A 170 -0.19 4.19 19.87
N LEU A 171 -0.15 5.49 19.56
CA LEU A 171 0.44 6.47 20.47
C LEU A 171 -0.30 6.52 21.81
N ASP A 172 -1.63 6.45 21.75
CA ASP A 172 -2.45 6.39 22.98
C ASP A 172 -2.26 5.07 23.74
N TRP A 173 -2.16 3.96 23.02
CA TRP A 173 -1.91 2.65 23.63
C TRP A 173 -0.58 2.61 24.35
N CYS A 174 0.41 3.27 23.73
CA CYS A 174 1.77 3.34 24.27
C CYS A 174 1.97 4.43 25.32
N SER A 175 0.97 5.29 25.52
CA SER A 175 1.07 6.40 26.46
C SER A 175 -0.05 6.33 27.49
N LYS A 176 -1.02 7.24 27.42
CA LYS A 176 -2.05 7.38 28.45
C LYS A 176 -2.84 6.11 28.76
N LEU A 177 -3.05 5.25 27.76
CA LEU A 177 -3.82 4.01 27.99
C LEU A 177 -2.98 2.90 28.62
N LYS A 178 -1.66 2.95 28.43
CA LYS A 178 -0.76 1.93 28.96
C LYS A 178 -1.18 0.51 28.58
N PHE A 179 -1.57 0.32 27.33
CA PHE A 179 -1.90 -1.01 26.85
C PHE A 179 -0.63 -1.73 26.37
N ILE A 180 0.30 -0.97 25.81
CA ILE A 180 1.55 -1.54 25.29
C ILE A 180 2.75 -0.89 25.97
N ASP A 181 3.59 -1.69 26.62
CA ASP A 181 4.89 -1.21 27.07
C ASP A 181 5.79 -1.05 25.84
N PRO A 182 6.01 0.20 25.39
CA PRO A 182 6.76 0.36 24.13
C PRO A 182 8.25 0.00 24.27
N LYS A 183 8.75 -0.06 25.50
CA LYS A 183 10.15 -0.37 25.76
C LYS A 183 10.52 -1.83 25.50
N LYS A 184 9.50 -2.69 25.35
CA LYS A 184 9.72 -4.11 25.04
C LYS A 184 9.57 -4.42 23.54
N ILE A 185 9.55 -3.40 22.69
CA ILE A 185 9.45 -3.64 21.24
C ILE A 185 10.83 -3.98 20.66
N LYS A 186 10.89 -5.10 19.93
CA LYS A 186 12.11 -5.61 19.31
C LYS A 186 12.23 -5.16 17.85
N VAL A 187 11.13 -5.29 17.12
CA VAL A 187 11.03 -4.90 15.71
C VAL A 187 9.95 -3.85 15.51
N PHE A 188 10.33 -2.75 14.86
CA PHE A 188 9.45 -1.63 14.61
C PHE A 188 9.39 -1.41 13.09
N VAL A 189 8.23 -1.60 12.48
CA VAL A 189 8.07 -1.50 11.03
C VAL A 189 7.21 -0.32 10.67
N LEU A 190 7.73 0.56 9.80
CA LEU A 190 6.94 1.67 9.24
C LEU A 190 6.62 1.32 7.79
N ASP A 191 5.40 0.83 7.54
CA ASP A 191 4.98 0.60 6.16
C ASP A 191 4.68 1.96 5.53
N GLU A 192 4.86 2.05 4.22
CA GLU A 192 4.67 3.30 3.51
C GLU A 192 5.48 4.37 4.25
N ALA A 193 6.73 4.01 4.56
CA ALA A 193 7.59 4.77 5.46
C ALA A 193 7.72 6.25 5.13
N ASP A 194 7.87 6.56 3.84
CA ASP A 194 8.15 7.94 3.39
C ASP A 194 7.08 8.95 3.81
N VAL A 195 5.81 8.52 3.79
CA VAL A 195 4.72 9.38 4.25
C VAL A 195 4.56 9.29 5.77
N MET A 196 5.03 8.20 6.36
CA MET A 196 5.02 8.05 7.81
C MET A 196 6.00 9.00 8.51
N ILE A 197 7.04 9.45 7.82
CA ILE A 197 8.06 10.35 8.41
C ILE A 197 8.11 11.76 7.79
N ALA A 198 7.32 12.01 6.76
CA ALA A 198 7.26 13.33 6.11
C ALA A 198 6.38 14.29 6.92
N THR A 199 6.79 15.56 7.01
CA THR A 199 6.12 16.54 7.87
C THR A 199 4.64 16.67 7.56
N GLN A 200 4.33 16.65 6.27
CA GLN A 200 2.94 16.72 5.82
C GLN A 200 2.22 15.37 5.93
N GLY A 201 2.97 14.30 6.24
CA GLY A 201 2.40 13.00 6.61
C GLY A 201 2.31 12.83 8.12
N HIS A 202 2.72 11.67 8.63
CA HIS A 202 2.57 11.34 10.05
C HIS A 202 3.84 11.50 10.91
N GLN A 203 4.74 12.39 10.49
CA GLN A 203 6.04 12.55 11.15
C GLN A 203 5.95 12.72 12.66
N ASP A 204 5.13 13.67 13.10
CA ASP A 204 5.01 14.01 14.52
C ASP A 204 4.70 12.81 15.41
N GLN A 205 3.60 12.11 15.12
CA GLN A 205 3.20 10.94 15.91
C GLN A 205 4.16 9.77 15.72
N SER A 206 4.62 9.57 14.48
CA SER A 206 5.55 8.50 14.14
C SER A 206 6.84 8.61 14.94
N ILE A 207 7.43 9.80 14.95
CA ILE A 207 8.66 10.01 15.69
C ILE A 207 8.41 9.94 17.19
N ARG A 208 7.27 10.44 17.64
CA ARG A 208 6.99 10.43 19.08
C ARG A 208 6.82 9.00 19.59
N ILE A 209 6.29 8.10 18.76
CA ILE A 209 6.24 6.67 19.06
C ILE A 209 7.65 6.06 19.04
N GLN A 210 8.42 6.35 18.00
CA GLN A 210 9.78 5.85 17.86
C GLN A 210 10.64 6.16 19.08
N ARG A 211 10.55 7.40 19.56
CA ARG A 211 11.26 7.84 20.77
C ARG A 211 10.99 6.95 21.97
N MET A 212 9.78 6.40 22.07
CA MET A 212 9.41 5.57 23.20
C MET A 212 10.02 4.15 23.14
N LEU A 213 10.62 3.79 22.01
CA LEU A 213 11.18 2.44 21.84
C LEU A 213 12.51 2.28 22.58
N PRO A 214 12.95 1.01 22.79
CA PRO A 214 14.27 0.80 23.39
C PRO A 214 15.41 1.03 22.40
N ARG A 215 16.60 1.27 22.94
CA ARG A 215 17.83 1.48 22.14
C ARG A 215 18.10 0.30 21.19
N ASN A 216 17.89 -0.93 21.68
CA ASN A 216 18.10 -2.14 20.87
C ASN A 216 16.81 -2.57 20.16
N CYS A 217 16.32 -1.72 19.27
CA CYS A 217 15.12 -2.03 18.52
C CYS A 217 15.48 -1.98 17.05
N GLN A 218 15.25 -3.09 16.35
CA GLN A 218 15.44 -3.14 14.91
C GLN A 218 14.35 -2.31 14.26
N MET A 219 14.72 -1.50 13.27
CA MET A 219 13.76 -0.62 12.61
C MET A 219 13.78 -0.86 11.12
N LEU A 220 12.59 -0.96 10.55
CA LEU A 220 12.41 -1.36 9.17
C LEU A 220 11.44 -0.39 8.50
N LEU A 221 11.89 0.23 7.42
CA LEU A 221 11.10 1.19 6.68
C LEU A 221 10.89 0.68 5.25
N PHE A 222 9.62 0.62 4.81
CA PHE A 222 9.28 0.16 3.46
C PHE A 222 8.34 1.12 2.75
N SER A 223 8.60 1.34 1.47
CA SER A 223 7.73 2.14 0.60
C SER A 223 8.12 1.94 -0.86
N ALA A 224 7.22 2.27 -1.77
CA ALA A 224 7.54 2.28 -3.18
C ALA A 224 8.26 3.57 -3.59
N THR A 225 8.17 4.59 -2.73
CA THR A 225 8.71 5.92 -3.01
C THR A 225 9.45 6.50 -1.81
N PHE A 226 10.51 7.25 -2.09
CA PHE A 226 11.23 8.03 -1.08
C PHE A 226 11.65 9.33 -1.72
N GLU A 227 10.85 10.37 -1.54
CA GLU A 227 11.18 11.67 -2.05
C GLU A 227 12.58 12.04 -1.58
N ASP A 228 13.27 12.79 -2.42
CA ASP A 228 14.68 13.14 -2.22
C ASP A 228 15.04 13.55 -0.78
N SER A 229 14.31 14.52 -0.23
CA SER A 229 14.57 15.00 1.15
C SER A 229 14.17 13.99 2.21
N VAL A 230 13.09 13.24 1.94
CA VAL A 230 12.62 12.20 2.87
C VAL A 230 13.64 11.09 3.00
N TRP A 231 14.26 10.71 1.88
CA TRP A 231 15.33 9.72 1.89
C TRP A 231 16.48 10.18 2.78
N LYS A 232 16.83 11.46 2.69
CA LYS A 232 17.89 12.04 3.52
C LYS A 232 17.49 12.18 4.98
N PHE A 233 16.21 12.38 5.24
CA PHE A 233 15.70 12.48 6.60
C PHE A 233 15.65 11.11 7.26
N ALA A 234 15.16 10.13 6.52
CA ALA A 234 15.10 8.74 7.00
C ALA A 234 16.48 8.24 7.44
N GLN A 235 17.52 8.67 6.73
CA GLN A 235 18.92 8.33 7.07
C GLN A 235 19.38 8.86 8.44
N LYS A 236 18.77 9.93 8.91
CA LYS A 236 19.18 10.57 10.16
C LYS A 236 18.32 10.13 11.35
N VAL A 237 17.13 9.60 11.09
CA VAL A 237 16.24 9.17 12.15
C VAL A 237 16.33 7.67 12.42
N VAL A 238 16.82 6.91 11.43
CA VAL A 238 17.04 5.48 11.56
C VAL A 238 18.53 5.20 11.75
N PRO A 239 18.94 4.73 12.95
CA PRO A 239 20.32 4.33 13.20
C PRO A 239 20.89 3.29 12.22
N ASP A 240 22.18 3.44 11.87
CA ASP A 240 22.95 2.44 11.12
C ASP A 240 22.08 1.61 10.18
N PRO A 241 21.68 2.17 9.03
CA PRO A 241 20.76 1.43 8.20
C PRO A 241 21.43 0.78 7.00
N ASN A 242 21.00 -0.42 6.67
CA ASN A 242 21.19 -0.96 5.33
C ASN A 242 20.13 -0.29 4.47
N VAL A 243 20.43 -0.09 3.21
CA VAL A 243 19.61 0.73 2.34
C VAL A 243 19.36 -0.03 1.04
N ILE A 244 18.11 -0.07 0.61
CA ILE A 244 17.76 -0.51 -0.74
C ILE A 244 17.02 0.64 -1.42
N LYS A 245 17.71 1.33 -2.32
CA LYS A 245 17.15 2.44 -3.07
C LYS A 245 17.05 2.03 -4.52
N LEU A 246 15.97 2.45 -5.19
CA LEU A 246 15.80 2.20 -6.62
C LEU A 246 16.36 3.36 -7.45
N LYS A 247 16.76 3.06 -8.68
CA LYS A 247 16.96 4.09 -9.70
C LYS A 247 15.58 4.52 -10.16
N ARG A 248 15.44 5.76 -10.63
CA ARG A 248 14.11 6.25 -10.99
C ARG A 248 13.53 5.58 -12.24
N GLU A 249 14.39 5.17 -13.17
CA GLU A 249 13.95 4.31 -14.27
C GLU A 249 13.21 3.04 -13.78
N GLU A 250 13.60 2.50 -12.63
CA GLU A 250 13.00 1.27 -12.08
C GLU A 250 11.65 1.47 -11.38
N GLU A 251 11.24 2.71 -11.15
CA GLU A 251 10.10 3.00 -10.27
C GLU A 251 8.72 2.74 -10.87
N THR A 252 8.59 2.75 -12.20
CA THR A 252 7.29 2.53 -12.85
C THR A 252 7.24 1.16 -13.47
N LEU A 253 6.10 0.49 -13.34
CA LEU A 253 5.91 -0.85 -13.88
C LEU A 253 5.65 -0.80 -15.38
N ASP A 254 6.26 -1.73 -16.12
CA ASP A 254 5.92 -1.97 -17.53
C ASP A 254 4.54 -2.58 -17.63
N THR A 255 4.08 -3.15 -16.52
CA THR A 255 2.88 -3.95 -16.47
C THR A 255 1.61 -3.09 -16.31
N ILE A 256 1.77 -1.84 -15.85
CA ILE A 256 0.67 -0.85 -15.77
C ILE A 256 0.81 0.17 -16.87
N LYS A 257 -0.13 0.19 -17.81
CA LYS A 257 -0.02 1.11 -18.93
C LYS A 257 -0.84 2.38 -18.67
N GLN A 258 -0.25 3.53 -18.98
CA GLN A 258 -0.75 4.84 -18.54
C GLN A 258 -1.37 5.63 -19.68
N TYR A 259 -2.62 6.06 -19.49
CA TYR A 259 -3.33 6.87 -20.48
C TYR A 259 -3.73 8.23 -19.91
N TYR A 260 -4.28 9.09 -20.78
CA TYR A 260 -4.99 10.29 -20.33
C TYR A 260 -6.07 10.72 -21.33
N VAL A 261 -7.14 11.34 -20.82
CA VAL A 261 -8.19 11.90 -21.68
C VAL A 261 -8.29 13.40 -21.45
N LEU A 262 -8.39 14.14 -22.55
CA LEU A 262 -8.39 15.59 -22.50
C LEU A 262 -9.83 16.10 -22.38
N CYS A 263 -10.10 16.99 -21.43
CA CYS A 263 -11.42 17.58 -21.23
C CYS A 263 -11.30 19.08 -20.97
N SER A 264 -12.44 19.74 -20.77
CA SER A 264 -12.43 21.18 -20.51
C SER A 264 -13.12 21.59 -19.20
N SER A 265 -13.79 20.66 -18.51
CA SER A 265 -14.47 20.97 -17.24
C SER A 265 -14.73 19.71 -16.42
N ARG A 266 -15.24 19.90 -15.21
CA ARG A 266 -15.65 18.78 -14.37
C ARG A 266 -16.86 18.04 -14.93
N ASP A 267 -17.79 18.78 -15.54
CA ASP A 267 -18.94 18.16 -16.21
C ASP A 267 -18.48 17.27 -17.35
N GLU A 268 -17.46 17.72 -18.08
CA GLU A 268 -16.92 16.96 -19.22
C GLU A 268 -16.15 15.72 -18.75
N LYS A 269 -15.54 15.78 -17.58
CA LYS A 269 -14.89 14.61 -16.98
C LYS A 269 -15.93 13.59 -16.52
N PHE A 270 -17.06 14.09 -16.02
CA PHE A 270 -18.16 13.23 -15.59
C PHE A 270 -18.76 12.49 -16.78
N GLN A 271 -18.89 13.18 -17.90
CA GLN A 271 -19.47 12.57 -19.10
C GLN A 271 -18.56 11.51 -19.69
N ALA A 272 -17.26 11.76 -19.71
CA ALA A 272 -16.28 10.79 -20.22
C ALA A 272 -16.43 9.47 -19.46
N LEU A 273 -16.24 9.58 -18.16
CA LEU A 273 -16.32 8.46 -17.23
C LEU A 273 -17.68 7.73 -17.31
N CYS A 274 -18.76 8.50 -17.48
CA CYS A 274 -20.08 7.93 -17.78
C CYS A 274 -20.04 6.99 -18.97
N ASN A 275 -19.39 7.44 -20.05
CA ASN A 275 -19.31 6.67 -21.30
C ASN A 275 -18.42 5.45 -21.11
N LEU A 276 -17.43 5.56 -20.23
CA LEU A 276 -16.47 4.49 -19.97
C LEU A 276 -16.89 3.50 -18.89
N TYR A 277 -18.00 3.77 -18.22
CA TYR A 277 -18.42 2.96 -17.06
C TYR A 277 -18.66 1.48 -17.39
N GLY A 278 -19.26 1.22 -18.55
CA GLY A 278 -19.45 -0.16 -19.04
C GLY A 278 -18.15 -0.96 -19.11
N ALA A 279 -17.07 -0.29 -19.46
CA ALA A 279 -15.75 -0.90 -19.54
C ALA A 279 -15.15 -1.12 -18.15
N ILE A 280 -15.27 -0.11 -17.31
CA ILE A 280 -14.76 -0.13 -15.95
C ILE A 280 -15.40 -1.21 -15.07
N THR A 281 -16.69 -1.49 -15.31
CA THR A 281 -17.42 -2.45 -14.48
C THR A 281 -17.27 -3.89 -14.97
N ILE A 282 -16.59 -4.07 -16.11
CA ILE A 282 -16.23 -5.41 -16.60
C ILE A 282 -15.54 -6.19 -15.49
N ALA A 283 -14.49 -5.58 -14.94
CA ALA A 283 -13.80 -6.13 -13.79
C ALA A 283 -14.07 -5.22 -12.60
N GLN A 284 -13.05 -4.51 -12.14
CA GLN A 284 -13.17 -3.69 -10.95
C GLN A 284 -12.27 -2.47 -11.15
N ALA A 285 -12.58 -1.36 -10.51
CA ALA A 285 -11.83 -0.12 -10.72
C ALA A 285 -11.88 0.86 -9.54
N MET A 286 -10.92 1.77 -9.53
CA MET A 286 -10.81 2.80 -8.49
C MET A 286 -10.69 4.18 -9.11
N ILE A 287 -11.41 5.14 -8.53
CA ILE A 287 -11.38 6.52 -8.99
C ILE A 287 -10.94 7.40 -7.85
N PHE A 288 -9.82 8.12 -8.06
CA PHE A 288 -9.29 9.06 -7.05
C PHE A 288 -9.73 10.49 -7.29
N CYS A 289 -9.93 11.24 -6.20
CA CYS A 289 -10.29 12.66 -6.24
C CYS A 289 -9.42 13.49 -5.31
N HIS A 290 -9.29 14.78 -5.59
CA HIS A 290 -8.42 15.62 -4.79
C HIS A 290 -8.97 15.88 -3.39
N THR A 291 -10.29 15.85 -3.25
CA THR A 291 -10.93 16.17 -1.99
C THR A 291 -12.12 15.27 -1.69
N ARG A 292 -12.57 15.30 -0.43
CA ARG A 292 -13.71 14.51 0.04
C ARG A 292 -15.01 14.95 -0.61
N LYS A 293 -15.17 16.26 -0.79
CA LYS A 293 -16.38 16.81 -1.38
C LYS A 293 -16.58 16.38 -2.83
N THR A 294 -15.50 16.39 -3.61
CA THR A 294 -15.53 15.92 -5.01
C THR A 294 -15.79 14.42 -5.07
N ALA A 295 -15.22 13.68 -4.12
CA ALA A 295 -15.48 12.25 -3.99
C ALA A 295 -16.98 12.03 -3.83
N SER A 296 -17.55 12.73 -2.87
CA SER A 296 -18.97 12.59 -2.57
C SER A 296 -19.87 13.10 -3.70
N TRP A 297 -19.45 14.18 -4.36
CA TRP A 297 -20.20 14.73 -5.50
C TRP A 297 -20.21 13.72 -6.63
N LEU A 298 -19.04 13.18 -6.95
CA LEU A 298 -18.91 12.23 -8.04
C LEU A 298 -19.82 11.02 -7.78
N ALA A 299 -19.75 10.51 -6.56
CA ALA A 299 -20.57 9.37 -6.14
C ALA A 299 -22.06 9.64 -6.39
N ALA A 300 -22.55 10.79 -5.94
CA ALA A 300 -23.96 11.14 -6.08
C ALA A 300 -24.36 11.37 -7.53
N GLU A 301 -23.41 11.85 -8.32
CA GLU A 301 -23.67 12.12 -9.73
C GLU A 301 -23.72 10.80 -10.53
N LEU A 302 -22.76 9.91 -10.28
CA LEU A 302 -22.80 8.56 -10.88
C LEU A 302 -24.04 7.78 -10.49
N SER A 303 -24.41 7.88 -9.21
CA SER A 303 -25.56 7.18 -8.65
C SER A 303 -26.86 7.70 -9.24
N LYS A 304 -26.91 8.99 -9.50
CA LYS A 304 -28.09 9.63 -10.08
C LYS A 304 -28.13 9.38 -11.58
N GLU A 305 -27.00 8.96 -12.15
CA GLU A 305 -26.97 8.49 -13.53
C GLU A 305 -27.30 7.00 -13.62
N GLY A 306 -27.55 6.36 -12.48
CA GLY A 306 -28.06 5.01 -12.44
C GLY A 306 -27.00 3.93 -12.31
N HIS A 307 -25.75 4.33 -12.07
CA HIS A 307 -24.66 3.39 -11.90
C HIS A 307 -24.49 3.06 -10.42
N GLN A 308 -24.37 1.78 -10.08
CA GLN A 308 -24.05 1.42 -8.70
C GLN A 308 -22.60 1.85 -8.47
N VAL A 309 -22.34 2.45 -7.31
CA VAL A 309 -21.04 3.05 -7.02
C VAL A 309 -20.79 3.00 -5.51
N ALA A 310 -19.50 2.92 -5.15
CA ALA A 310 -19.09 2.86 -3.74
C ALA A 310 -18.29 4.09 -3.39
N LEU A 311 -18.56 4.67 -2.22
CA LEU A 311 -17.79 5.81 -1.71
C LEU A 311 -16.99 5.42 -0.48
N LEU A 312 -15.77 5.95 -0.40
CA LEU A 312 -14.88 5.72 0.74
C LEU A 312 -13.98 6.93 0.99
N SER A 313 -14.17 7.60 2.12
CA SER A 313 -13.31 8.69 2.54
C SER A 313 -13.19 8.79 4.05
N GLY A 314 -12.22 9.59 4.50
CA GLY A 314 -11.90 9.73 5.91
C GLY A 314 -12.97 10.37 6.77
N GLU A 315 -13.93 11.08 6.18
CA GLU A 315 -15.01 11.68 6.97
C GLU A 315 -16.04 10.65 7.40
N MET A 316 -16.04 9.50 6.74
CA MET A 316 -16.91 8.38 7.13
C MET A 316 -16.43 7.76 8.44
N MET A 317 -17.35 7.20 9.22
CA MET A 317 -16.98 6.51 10.45
C MET A 317 -16.41 5.14 10.12
N VAL A 318 -15.59 4.60 11.02
CA VAL A 318 -14.86 3.37 10.74
C VAL A 318 -15.77 2.19 10.40
N GLU A 319 -16.94 2.12 11.03
CA GLU A 319 -17.92 1.04 10.77
C GLU A 319 -18.31 1.04 9.31
N GLN A 320 -18.64 2.23 8.80
CA GLN A 320 -18.97 2.41 7.39
C GLN A 320 -17.78 2.16 6.46
N ARG A 321 -16.60 2.68 6.83
CA ARG A 321 -15.36 2.43 6.07
C ARG A 321 -15.04 0.95 5.98
N ALA A 322 -15.09 0.25 7.12
CA ALA A 322 -14.84 -1.21 7.15
C ALA A 322 -15.86 -1.97 6.30
N ALA A 323 -17.11 -1.48 6.30
CA ALA A 323 -18.19 -2.06 5.51
C ALA A 323 -17.88 -1.97 4.03
N VAL A 324 -17.55 -0.78 3.56
CA VAL A 324 -17.38 -0.56 2.12
C VAL A 324 -16.19 -1.33 1.61
N ILE A 325 -15.06 -1.19 2.29
CA ILE A 325 -13.84 -1.82 1.84
C ILE A 325 -14.00 -3.34 1.71
N GLU A 326 -14.78 -3.95 2.62
CA GLU A 326 -15.02 -5.38 2.51
C GLU A 326 -15.92 -5.71 1.32
N ARG A 327 -16.98 -4.92 1.14
CA ARG A 327 -17.89 -5.07 -0.01
C ARG A 327 -17.15 -4.96 -1.32
N PHE A 328 -16.28 -3.97 -1.41
CA PHE A 328 -15.44 -3.80 -2.60
C PHE A 328 -14.48 -4.99 -2.75
N ARG A 329 -13.94 -5.44 -1.62
CA ARG A 329 -13.02 -6.56 -1.58
C ARG A 329 -13.63 -7.83 -2.18
N GLU A 330 -14.93 -8.03 -1.96
CA GLU A 330 -15.65 -9.22 -2.42
C GLU A 330 -16.23 -9.06 -3.83
N GLY A 331 -15.98 -7.92 -4.47
CA GLY A 331 -16.56 -7.64 -5.78
C GLY A 331 -18.06 -7.39 -5.77
N LYS A 332 -18.60 -7.07 -4.60
CA LYS A 332 -20.02 -6.70 -4.48
C LYS A 332 -20.21 -5.25 -4.92
N GLU A 333 -19.12 -4.49 -4.84
CA GLU A 333 -19.02 -3.17 -5.46
C GLU A 333 -17.89 -3.29 -6.47
N LYS A 334 -18.08 -2.70 -7.64
CA LYS A 334 -17.08 -2.81 -8.71
C LYS A 334 -16.31 -1.50 -8.95
N VAL A 335 -16.86 -0.37 -8.50
CA VAL A 335 -16.17 0.91 -8.56
C VAL A 335 -16.16 1.58 -7.19
N LEU A 336 -15.00 2.08 -6.79
CA LEU A 336 -14.85 2.81 -5.54
C LEU A 336 -14.34 4.25 -5.77
N VAL A 337 -15.26 5.22 -5.68
CA VAL A 337 -14.89 6.62 -5.65
C VAL A 337 -14.23 6.88 -4.29
N THR A 338 -12.99 7.36 -4.31
CA THR A 338 -12.23 7.48 -3.09
C THR A 338 -11.26 8.67 -3.13
N THR A 339 -10.62 8.95 -2.00
CA THR A 339 -9.61 10.01 -1.90
C THR A 339 -8.24 9.34 -1.81
N ASN A 340 -7.21 10.11 -1.43
CA ASN A 340 -5.87 9.56 -1.24
C ASN A 340 -5.81 8.58 -0.07
N VAL A 341 -6.90 8.47 0.70
CA VAL A 341 -6.99 7.48 1.77
C VAL A 341 -6.74 6.06 1.26
N CYS A 342 -6.98 5.84 -0.04
CA CYS A 342 -6.71 4.55 -0.69
C CYS A 342 -5.54 4.59 -1.67
N ALA A 343 -4.80 5.69 -1.71
CA ALA A 343 -3.69 5.85 -2.65
C ALA A 343 -2.59 4.81 -2.45
N ARG A 344 -2.44 4.34 -1.21
CA ARG A 344 -1.27 3.57 -0.84
C ARG A 344 -1.64 2.22 -0.23
N GLY A 345 -0.89 1.19 -0.61
CA GLY A 345 -0.91 -0.07 0.11
C GLY A 345 -2.09 -0.99 -0.13
N ILE A 346 -3.22 -0.43 -0.54
CA ILE A 346 -4.43 -1.23 -0.71
C ILE A 346 -4.18 -2.22 -1.83
N ASP A 347 -4.62 -3.45 -1.63
CA ASP A 347 -4.33 -4.55 -2.53
C ASP A 347 -5.61 -5.34 -2.82
N VAL A 348 -6.26 -5.05 -3.95
CA VAL A 348 -7.43 -5.80 -4.37
C VAL A 348 -7.21 -6.36 -5.78
N GLU A 349 -6.94 -7.66 -5.85
CA GLU A 349 -6.61 -8.38 -7.08
C GLU A 349 -7.34 -7.97 -8.35
N GLN A 350 -8.65 -7.76 -8.23
CA GLN A 350 -9.51 -7.52 -9.38
C GLN A 350 -9.52 -6.08 -9.94
N VAL A 351 -8.87 -5.14 -9.25
CA VAL A 351 -8.85 -3.74 -9.69
C VAL A 351 -7.99 -3.58 -10.93
N SER A 352 -8.62 -3.61 -12.10
CA SER A 352 -7.91 -3.55 -13.37
C SER A 352 -7.86 -2.15 -13.99
N VAL A 353 -8.53 -1.18 -13.40
CA VAL A 353 -8.46 0.20 -13.87
C VAL A 353 -8.41 1.15 -12.70
N VAL A 354 -7.40 2.02 -12.69
CA VAL A 354 -7.33 3.15 -11.76
C VAL A 354 -7.57 4.43 -12.54
N ILE A 355 -8.47 5.27 -12.03
CA ILE A 355 -8.78 6.56 -12.66
C ILE A 355 -8.42 7.72 -11.72
N ASN A 356 -7.55 8.60 -12.18
CA ASN A 356 -7.35 9.88 -11.53
C ASN A 356 -8.35 10.88 -12.10
N PHE A 357 -9.54 10.96 -11.50
CA PHE A 357 -10.55 11.94 -11.91
C PHE A 357 -10.04 13.33 -11.63
N ASP A 358 -9.27 13.48 -10.54
CA ASP A 358 -8.44 14.65 -10.30
C ASP A 358 -6.99 14.19 -10.27
N LEU A 359 -6.09 14.96 -10.86
CA LEU A 359 -4.67 14.63 -10.83
C LEU A 359 -4.13 14.88 -9.42
N PRO A 360 -3.14 14.07 -8.98
CA PRO A 360 -2.67 14.17 -7.61
C PRO A 360 -1.70 15.33 -7.44
N VAL A 361 -2.20 16.41 -6.86
CA VAL A 361 -1.36 17.54 -6.48
C VAL A 361 -1.18 17.52 -4.97
N ASP A 362 -0.18 18.24 -4.48
CA ASP A 362 0.08 18.28 -3.05
C ASP A 362 -0.62 19.49 -2.40
N LYS A 363 -0.39 19.68 -1.11
CA LYS A 363 -0.95 20.78 -0.35
C LYS A 363 -0.84 22.11 -1.09
N ASP A 364 0.36 22.41 -1.56
CA ASP A 364 0.62 23.69 -2.24
C ASP A 364 0.04 23.79 -3.66
N GLY A 365 -0.30 22.65 -4.25
CA GLY A 365 -0.75 22.61 -5.64
C GLY A 365 0.32 22.12 -6.61
N ASN A 366 1.37 21.51 -6.08
CA ASN A 366 2.44 20.95 -6.90
C ASN A 366 2.11 19.53 -7.30
N PRO A 367 2.55 19.10 -8.50
CA PRO A 367 2.32 17.70 -8.86
C PRO A 367 2.88 16.77 -7.79
N ASP A 368 2.05 15.85 -7.30
CA ASP A 368 2.46 14.90 -6.27
C ASP A 368 2.96 13.64 -6.97
N ASN A 369 4.24 13.62 -7.29
CA ASN A 369 4.81 12.50 -8.04
C ASN A 369 4.67 11.16 -7.32
N GLU A 370 4.87 11.19 -6.00
CA GLU A 370 4.87 9.98 -5.20
C GLU A 370 3.48 9.37 -5.17
N THR A 371 2.49 10.21 -4.86
CA THR A 371 1.11 9.77 -4.78
C THR A 371 0.63 9.19 -6.10
N TYR A 372 1.02 9.84 -7.21
CA TYR A 372 0.67 9.38 -8.52
C TYR A 372 1.07 7.92 -8.74
N LEU A 373 2.32 7.60 -8.41
CA LEU A 373 2.87 6.24 -8.59
C LEU A 373 2.17 5.21 -7.70
N HIS A 374 1.85 5.60 -6.46
CA HIS A 374 1.10 4.75 -5.55
C HIS A 374 -0.33 4.55 -6.06
N ARG A 375 -0.98 5.64 -6.50
CA ARG A 375 -2.32 5.54 -7.05
C ARG A 375 -2.40 4.56 -8.24
N ILE A 376 -1.56 4.76 -9.26
CA ILE A 376 -1.59 3.84 -10.41
C ILE A 376 -1.12 2.43 -10.02
N GLY A 377 -0.45 2.31 -8.87
CA GLY A 377 0.01 1.03 -8.34
C GLY A 377 -1.05 0.12 -7.74
N ARG A 378 -2.29 0.60 -7.64
CA ARG A 378 -3.40 -0.19 -7.11
C ARG A 378 -3.97 -1.13 -8.18
N THR A 379 -3.40 -1.06 -9.38
CA THR A 379 -3.71 -1.97 -10.48
C THR A 379 -2.43 -2.68 -10.95
N GLY A 380 -2.57 -3.75 -11.71
CA GLY A 380 -1.42 -4.49 -12.23
C GLY A 380 -0.47 -5.00 -11.14
N ARG A 381 -1.04 -5.68 -10.15
CA ARG A 381 -0.30 -6.04 -8.94
C ARG A 381 0.26 -7.45 -9.01
N PHE A 382 1.46 -7.61 -8.48
CA PHE A 382 2.26 -8.83 -8.58
C PHE A 382 2.08 -9.59 -9.89
N GLY A 383 2.51 -8.95 -10.97
CA GLY A 383 2.57 -9.59 -12.27
C GLY A 383 1.33 -9.44 -13.14
N LYS A 384 0.19 -9.08 -12.54
CA LYS A 384 -1.00 -8.79 -13.33
C LYS A 384 -0.82 -7.51 -14.12
N ARG A 385 -1.55 -7.43 -15.23
CA ARG A 385 -1.43 -6.32 -16.17
C ARG A 385 -2.60 -5.36 -15.93
N GLY A 386 -2.29 -4.08 -15.77
CA GLY A 386 -3.28 -3.08 -15.35
C GLY A 386 -3.34 -1.86 -16.25
N LEU A 387 -4.13 -0.88 -15.82
CA LEU A 387 -4.52 0.26 -16.66
C LEU A 387 -4.81 1.50 -15.79
N ALA A 388 -4.16 2.62 -16.11
CA ALA A 388 -4.37 3.87 -15.37
C ALA A 388 -4.78 4.97 -16.35
N VAL A 389 -5.98 5.52 -16.14
CA VAL A 389 -6.50 6.58 -17.02
C VAL A 389 -6.61 7.92 -16.28
N ASN A 390 -5.95 8.93 -16.83
CA ASN A 390 -5.89 10.27 -16.23
C ASN A 390 -6.90 11.22 -16.87
N MET A 391 -7.74 11.85 -16.06
CA MET A 391 -8.72 12.82 -16.56
C MET A 391 -8.14 14.24 -16.49
N VAL A 392 -7.81 14.83 -17.64
CA VAL A 392 -7.27 16.20 -17.69
C VAL A 392 -8.38 17.19 -18.02
N ASP A 393 -8.57 18.18 -17.16
CA ASP A 393 -9.68 19.12 -17.28
C ASP A 393 -9.31 20.51 -17.83
N SER A 394 -8.01 20.84 -17.84
CA SER A 394 -7.54 22.17 -18.27
C SER A 394 -6.13 22.13 -18.84
N LYS A 395 -5.60 23.30 -19.19
CA LYS A 395 -4.24 23.42 -19.68
C LYS A 395 -3.26 23.35 -18.52
N HIS A 396 -3.64 23.95 -17.40
CA HIS A 396 -2.83 23.89 -16.19
C HIS A 396 -2.74 22.44 -15.75
N SER A 397 -3.88 21.75 -15.76
CA SER A 397 -3.89 20.34 -15.38
C SER A 397 -3.01 19.53 -16.32
N MET A 398 -3.08 19.85 -17.61
CA MET A 398 -2.25 19.15 -18.58
C MET A 398 -0.76 19.31 -18.23
N ASN A 399 -0.37 20.48 -17.73
CA ASN A 399 1.01 20.73 -17.31
C ASN A 399 1.43 19.87 -16.15
N ILE A 400 0.55 19.74 -15.16
CA ILE A 400 0.82 18.90 -14.01
C ILE A 400 1.23 17.51 -14.52
N LEU A 401 0.37 16.93 -15.37
CA LEU A 401 0.60 15.60 -15.94
C LEU A 401 1.92 15.50 -16.73
N ASN A 402 2.25 16.55 -17.48
CA ASN A 402 3.48 16.57 -18.28
C ASN A 402 4.74 16.63 -17.40
N ARG A 403 4.65 17.33 -16.28
CA ARG A 403 5.76 17.39 -15.32
C ARG A 403 5.95 16.06 -14.62
N ILE A 404 4.85 15.38 -14.34
CA ILE A 404 4.90 14.03 -13.78
C ILE A 404 5.56 13.11 -14.79
N GLN A 405 5.14 13.25 -16.04
CA GLN A 405 5.60 12.41 -17.13
C GLN A 405 7.12 12.41 -17.24
N GLU A 406 7.74 13.58 -17.04
CA GLU A 406 9.19 13.70 -17.15
C GLU A 406 9.91 13.66 -15.81
N HIS A 407 9.15 13.61 -14.72
CA HIS A 407 9.70 13.18 -13.44
C HIS A 407 10.09 11.72 -13.60
N PHE A 408 9.13 10.90 -14.01
CA PHE A 408 9.32 9.46 -14.19
C PHE A 408 9.89 9.12 -15.55
N ASN A 409 9.87 10.07 -16.47
CA ASN A 409 10.34 9.86 -17.84
C ASN A 409 9.59 8.73 -18.57
N LYS A 410 8.28 8.65 -18.33
CA LYS A 410 7.43 7.58 -18.87
C LYS A 410 6.22 8.20 -19.55
N LYS A 411 6.25 8.27 -20.88
CA LYS A 411 5.23 8.98 -21.66
C LYS A 411 3.85 8.38 -21.41
N ILE A 412 2.80 9.20 -21.51
CA ILE A 412 1.42 8.79 -21.22
C ILE A 412 0.54 8.98 -22.46
N GLU A 413 -0.02 7.89 -22.98
CA GLU A 413 -0.81 7.94 -24.23
C GLU A 413 -2.10 8.75 -24.09
N ARG A 414 -2.54 9.34 -25.20
CA ARG A 414 -3.84 9.99 -25.28
C ARG A 414 -4.89 8.98 -25.73
N LEU A 415 -6.09 9.08 -25.16
CA LEU A 415 -7.18 8.15 -25.44
C LEU A 415 -8.39 8.86 -26.07
N ASP A 416 -8.86 8.35 -27.21
CA ASP A 416 -10.00 8.94 -27.94
C ASP A 416 -11.31 8.85 -27.14
#